data_1EOK
#
_entry.id   1EOK
#
_cell.length_a   69.350
_cell.length_b   118.330
_cell.length_c   40.180
_cell.angle_alpha   90.00
_cell.angle_beta   90.00
_cell.angle_gamma   90.00
#
_symmetry.space_group_name_H-M   'P 21 21 21'
#
loop_
_entity.id
_entity.type
_entity.pdbx_description
1 polymer 'ENDO-BETA-N-ACETYLGLUCOSAMINIDASE F3'
2 non-polymer 'SULFATE ION'
3 water water
#
_entity_poly.entity_id   1
_entity_poly.type   'polypeptide(L)'
_entity_poly.pdbx_seq_one_letter_code
;ATALAGSNGVCIAYYITDGRNPTFKLKDIPDKVDMVILFGLKYWSLQDTTKLPGGTGMMGSFKSYKDLDTQIRSLQSRGI
KVLQNIDDDVSWQSSKPGGFASAAAYGDAIKSIVIDKWKLDGISLDIEHSGAKPNPIPTFPGYAATGYNGWYSGSMAATP
AFLNVISELTKYFGTTAPNNKQLQIASGIDVYAWNKIMENFRNNFNYIQLQSYGANVSRTQLMMNYATGTNKIPASKMVF
GAYAEGGTNQANDVEVAKWTPTQGAKGGMMIYTYNSNVSYANAVRDAVKN
;
_entity_poly.pdbx_strand_id   A
#
# COMPACT_ATOMS: atom_id res chain seq x y z
N ASN A 8 1.31 12.54 15.91
CA ASN A 8 1.16 13.17 14.55
C ASN A 8 1.73 12.26 13.48
N GLY A 9 0.96 11.25 13.11
CA GLY A 9 1.44 10.34 12.09
C GLY A 9 1.26 10.88 10.70
N VAL A 10 1.55 10.02 9.74
CA VAL A 10 1.41 10.34 8.35
C VAL A 10 -0.04 10.06 7.95
N CYS A 11 -0.48 10.68 6.86
CA CYS A 11 -1.81 10.43 6.34
C CYS A 11 -1.57 10.06 4.88
N ILE A 12 -1.77 8.79 4.58
CA ILE A 12 -1.56 8.26 3.24
C ILE A 12 -2.91 8.05 2.58
N ALA A 13 -3.12 8.69 1.43
CA ALA A 13 -4.40 8.60 0.75
C ALA A 13 -4.40 7.72 -0.47
N TYR A 14 -5.30 6.76 -0.51
CA TYR A 14 -5.42 5.95 -1.71
C TYR A 14 -6.38 6.74 -2.61
N TYR A 15 -6.03 6.85 -3.87
CA TYR A 15 -6.92 7.51 -4.82
C TYR A 15 -7.19 6.42 -5.85
N ILE A 16 -8.41 5.88 -5.87
CA ILE A 16 -8.74 4.84 -6.84
C ILE A 16 -9.17 5.56 -8.12
N THR A 17 -8.53 5.17 -9.21
CA THR A 17 -8.69 5.81 -10.51
C THR A 17 -9.82 5.33 -11.40
N ASP A 18 -10.85 4.73 -10.83
CA ASP A 18 -11.95 4.20 -11.61
C ASP A 18 -13.08 5.16 -11.96
N GLY A 19 -12.85 6.45 -11.81
CA GLY A 19 -13.87 7.40 -12.18
C GLY A 19 -14.97 7.70 -11.18
N ARG A 20 -14.93 7.06 -10.02
CA ARG A 20 -15.94 7.33 -9.01
C ARG A 20 -15.78 8.77 -8.50
N ASN A 21 -16.88 9.39 -8.09
CA ASN A 21 -16.85 10.75 -7.55
C ASN A 21 -15.90 11.58 -8.41
N PRO A 22 -16.13 11.60 -9.74
CA PRO A 22 -15.29 12.33 -10.70
C PRO A 22 -14.96 13.80 -10.45
N THR A 23 -15.86 14.54 -9.80
CA THR A 23 -15.55 15.94 -9.56
C THR A 23 -14.40 16.07 -8.57
N PHE A 24 -14.16 15.04 -7.76
CA PHE A 24 -13.03 15.09 -6.83
C PHE A 24 -11.83 14.54 -7.60
N LYS A 25 -11.08 15.43 -8.22
CA LYS A 25 -9.93 15.02 -9.03
C LYS A 25 -8.73 14.66 -8.18
N LEU A 26 -7.78 13.98 -8.79
CA LEU A 26 -6.56 13.61 -8.08
C LEU A 26 -5.91 14.86 -7.51
N LYS A 27 -5.87 15.93 -8.30
CA LYS A 27 -5.27 17.19 -7.88
C LYS A 27 -6.01 17.87 -6.74
N ASP A 28 -7.20 17.38 -6.42
CA ASP A 28 -7.99 17.97 -5.35
C ASP A 28 -7.66 17.43 -3.96
N ILE A 29 -6.72 16.48 -3.90
CA ILE A 29 -6.31 15.95 -2.60
C ILE A 29 -5.96 17.17 -1.77
N PRO A 30 -6.55 17.29 -0.58
CA PRO A 30 -6.28 18.47 0.26
C PRO A 30 -4.96 18.48 1.01
N ASP A 31 -4.75 19.55 1.75
CA ASP A 31 -3.55 19.71 2.53
C ASP A 31 -3.58 18.73 3.70
N LYS A 32 -2.43 18.55 4.33
CA LYS A 32 -2.27 17.65 5.46
C LYS A 32 -2.32 16.18 5.05
N VAL A 33 -2.20 15.94 3.75
CA VAL A 33 -2.16 14.59 3.20
C VAL A 33 -0.73 14.42 2.67
N ASP A 34 0.04 13.59 3.35
CA ASP A 34 1.44 13.35 3.01
C ASP A 34 1.71 12.65 1.70
N MET A 35 0.93 11.63 1.39
CA MET A 35 1.13 10.87 0.17
C MET A 35 -0.17 10.39 -0.40
N VAL A 36 -0.12 10.08 -1.68
CA VAL A 36 -1.27 9.56 -2.40
C VAL A 36 -0.77 8.35 -3.18
N ILE A 37 -1.53 7.27 -3.11
CA ILE A 37 -1.17 6.08 -3.84
C ILE A 37 -2.21 5.88 -4.92
N LEU A 38 -1.75 5.85 -6.17
CA LEU A 38 -2.62 5.63 -7.30
C LEU A 38 -3.01 4.16 -7.22
N PHE A 39 -4.30 3.91 -7.14
CA PHE A 39 -4.81 2.55 -6.99
C PHE A 39 -5.85 2.26 -8.06
N GLY A 40 -5.83 1.03 -8.57
CA GLY A 40 -6.75 0.67 -9.63
C GLY A 40 -5.89 0.67 -10.87
N LEU A 41 -5.40 1.85 -11.21
CA LEU A 41 -4.51 2.01 -12.35
C LEU A 41 -3.38 0.99 -12.16
N LYS A 42 -3.01 0.31 -13.24
CA LYS A 42 -1.96 -0.71 -13.19
C LYS A 42 -0.64 -0.21 -13.76
N TYR A 43 0.48 -0.71 -13.25
CA TYR A 43 1.76 -0.26 -13.75
C TYR A 43 1.97 -0.49 -15.26
N TRP A 44 1.36 -1.52 -15.83
CA TRP A 44 1.52 -1.76 -17.27
C TRP A 44 0.83 -0.70 -18.11
N SER A 45 -0.10 0.04 -17.50
CA SER A 45 -0.79 1.10 -18.21
C SER A 45 0.13 2.31 -18.26
N LEU A 46 0.94 2.47 -17.21
CA LEU A 46 1.91 3.55 -17.17
C LEU A 46 3.01 3.21 -18.17
N GLN A 47 3.30 1.91 -18.29
CA GLN A 47 4.32 1.38 -19.19
C GLN A 47 3.97 1.61 -20.67
N ASP A 48 2.74 1.26 -21.03
CA ASP A 48 2.24 1.43 -22.40
C ASP A 48 0.88 2.12 -22.27
N THR A 49 0.86 3.42 -22.48
CA THR A 49 -0.37 4.22 -22.35
C THR A 49 -1.38 4.04 -23.47
N THR A 50 -1.02 3.28 -24.49
CA THR A 50 -1.91 3.08 -25.64
C THR A 50 -2.93 1.96 -25.50
N LYS A 51 -2.77 1.10 -24.50
CA LYS A 51 -3.69 -0.02 -24.35
C LYS A 51 -5.02 0.31 -23.68
N LEU A 52 -4.97 1.17 -22.67
CA LEU A 52 -6.17 1.55 -21.94
C LEU A 52 -6.53 3.00 -22.20
N PRO A 53 -7.61 3.23 -22.97
CA PRO A 53 -8.00 4.61 -23.27
C PRO A 53 -8.27 5.44 -22.02
N GLY A 54 -7.85 6.70 -22.07
CA GLY A 54 -8.09 7.58 -20.94
C GLY A 54 -9.60 7.72 -20.75
N GLY A 55 -10.00 7.96 -19.50
CA GLY A 55 -11.41 8.12 -19.20
C GLY A 55 -12.22 6.84 -19.19
N THR A 56 -11.56 5.69 -19.26
CA THR A 56 -12.25 4.41 -19.25
C THR A 56 -11.55 3.43 -18.30
N GLY A 57 -12.29 2.44 -17.79
CA GLY A 57 -11.72 1.47 -16.87
C GLY A 57 -10.92 2.09 -15.74
N MET A 58 -9.70 1.61 -15.53
CA MET A 58 -8.87 2.15 -14.46
C MET A 58 -8.24 3.51 -14.78
N MET A 59 -8.68 4.12 -15.88
CA MET A 59 -8.23 5.45 -16.26
C MET A 59 -9.50 6.32 -16.26
N GLY A 60 -10.58 5.77 -15.69
CA GLY A 60 -11.85 6.48 -15.64
C GLY A 60 -11.81 7.82 -14.93
N SER A 61 -10.82 8.00 -14.06
CA SER A 61 -10.70 9.24 -13.29
C SER A 61 -10.03 10.39 -14.03
N PHE A 62 -9.51 10.12 -15.23
CA PHE A 62 -8.82 11.15 -16.00
C PHE A 62 -9.35 11.24 -17.42
N LYS A 63 -9.23 12.42 -18.01
CA LYS A 63 -9.71 12.66 -19.36
C LYS A 63 -8.73 12.10 -20.37
N SER A 64 -7.49 11.94 -19.95
CA SER A 64 -6.43 11.46 -20.82
C SER A 64 -5.19 11.17 -19.98
N TYR A 65 -4.13 10.67 -20.60
CA TYR A 65 -2.92 10.41 -19.83
C TYR A 65 -2.22 11.73 -19.52
N LYS A 66 -2.44 12.73 -20.38
CA LYS A 66 -1.85 14.05 -20.15
C LYS A 66 -2.49 14.64 -18.89
N ASP A 67 -3.80 14.43 -18.74
CA ASP A 67 -4.55 14.91 -17.57
C ASP A 67 -3.96 14.25 -16.33
N LEU A 68 -3.75 12.93 -16.39
CA LEU A 68 -3.19 12.19 -15.26
C LEU A 68 -1.82 12.77 -14.90
N ASP A 69 -0.97 12.89 -15.90
CA ASP A 69 0.38 13.40 -15.75
C ASP A 69 0.37 14.80 -15.11
N THR A 70 -0.48 15.69 -15.62
CA THR A 70 -0.57 17.03 -15.09
C THR A 70 -1.00 17.04 -13.63
N GLN A 71 -2.01 16.25 -13.31
CA GLN A 71 -2.50 16.20 -11.93
C GLN A 71 -1.47 15.66 -10.94
N ILE A 72 -0.70 14.68 -11.38
CA ILE A 72 0.34 14.10 -10.52
C ILE A 72 1.34 15.19 -10.14
N ARG A 73 1.73 16.02 -11.12
CA ARG A 73 2.68 17.08 -10.84
C ARG A 73 2.11 18.15 -9.90
N SER A 74 0.80 18.39 -10.00
CA SER A 74 0.13 19.37 -9.14
C SER A 74 0.30 18.95 -7.69
N LEU A 75 0.11 17.67 -7.45
CA LEU A 75 0.26 17.11 -6.10
C LEU A 75 1.74 17.16 -5.68
N GLN A 76 2.63 16.72 -6.57
CA GLN A 76 4.06 16.69 -6.23
C GLN A 76 4.65 18.08 -5.93
N SER A 77 4.23 19.08 -6.69
CA SER A 77 4.78 20.41 -6.46
C SER A 77 4.27 21.04 -5.15
N ARG A 78 3.28 20.38 -4.54
CA ARG A 78 2.74 20.82 -3.26
C ARG A 78 3.45 20.02 -2.17
N GLY A 79 4.41 19.20 -2.58
CA GLY A 79 5.17 18.41 -1.64
C GLY A 79 4.55 17.08 -1.27
N ILE A 80 3.51 16.68 -1.98
CA ILE A 80 2.81 15.43 -1.72
C ILE A 80 3.45 14.30 -2.53
N LYS A 81 3.82 13.20 -1.87
CA LYS A 81 4.45 12.08 -2.57
C LYS A 81 3.37 11.25 -3.28
N VAL A 82 3.61 10.92 -4.53
CA VAL A 82 2.63 10.15 -5.29
C VAL A 82 3.27 8.79 -5.59
N LEU A 83 2.63 7.73 -5.10
CA LEU A 83 3.13 6.37 -5.28
C LEU A 83 2.21 5.57 -6.17
N GLN A 84 2.78 4.54 -6.79
CA GLN A 84 2.01 3.66 -7.64
C GLN A 84 1.77 2.33 -6.91
N ASN A 85 0.53 1.87 -6.91
CA ASN A 85 0.21 0.60 -6.27
C ASN A 85 0.63 -0.52 -7.21
N ILE A 86 1.24 -1.55 -6.63
CA ILE A 86 1.66 -2.72 -7.39
C ILE A 86 1.22 -3.95 -6.62
N ASP A 87 0.39 -4.77 -7.26
CA ASP A 87 -0.13 -6.00 -6.64
C ASP A 87 0.84 -7.15 -6.74
N ASP A 88 0.91 -7.99 -5.71
CA ASP A 88 1.76 -9.16 -5.87
C ASP A 88 0.98 -10.05 -6.83
N ASP A 89 1.69 -10.95 -7.50
CA ASP A 89 1.06 -11.81 -8.49
C ASP A 89 1.67 -13.20 -8.42
N VAL A 90 0.95 -14.21 -8.88
CA VAL A 90 1.48 -15.57 -8.84
C VAL A 90 2.78 -15.67 -9.64
N SER A 91 2.96 -14.82 -10.64
CA SER A 91 4.20 -14.87 -11.44
C SER A 91 5.40 -14.53 -10.56
N TRP A 92 5.17 -13.89 -9.42
CA TRP A 92 6.25 -13.58 -8.50
C TRP A 92 6.86 -14.89 -7.95
N GLN A 93 6.08 -15.96 -7.89
CA GLN A 93 6.56 -17.25 -7.41
C GLN A 93 7.30 -18.03 -8.51
N SER A 94 7.33 -17.45 -9.70
CA SER A 94 7.98 -18.05 -10.88
C SER A 94 9.33 -17.40 -11.20
N SER A 95 10.05 -17.96 -12.18
CA SER A 95 11.34 -17.43 -12.56
C SER A 95 11.17 -16.25 -13.52
N LYS A 96 9.93 -15.97 -13.91
CA LYS A 96 9.65 -14.87 -14.83
C LYS A 96 8.58 -13.96 -14.25
N PRO A 97 8.92 -13.24 -13.17
CA PRO A 97 7.94 -12.34 -12.54
C PRO A 97 7.48 -11.27 -13.52
N GLY A 98 6.18 -11.00 -13.55
CA GLY A 98 5.65 -9.97 -14.45
C GLY A 98 5.94 -10.22 -15.92
N GLY A 99 6.39 -11.43 -16.25
CA GLY A 99 6.70 -11.77 -17.62
C GLY A 99 8.15 -11.45 -17.98
N PHE A 100 8.84 -10.78 -17.06
CA PHE A 100 10.23 -10.43 -17.30
C PHE A 100 11.15 -11.64 -17.11
N ALA A 101 12.40 -11.53 -17.56
CA ALA A 101 13.33 -12.64 -17.50
C ALA A 101 13.76 -13.12 -16.11
N SER A 102 13.68 -12.22 -15.13
CA SER A 102 14.09 -12.56 -13.78
C SER A 102 13.56 -11.49 -12.83
N ALA A 103 13.74 -11.72 -11.54
CA ALA A 103 13.30 -10.77 -10.53
C ALA A 103 14.06 -9.45 -10.74
N ALA A 104 15.33 -9.56 -11.13
CA ALA A 104 16.15 -8.36 -11.38
C ALA A 104 15.58 -7.57 -12.56
N ALA A 105 15.19 -8.28 -13.61
CA ALA A 105 14.63 -7.64 -14.80
C ALA A 105 13.31 -6.98 -14.41
N TYR A 106 12.54 -7.67 -13.58
CA TYR A 106 11.26 -7.14 -13.13
C TYR A 106 11.52 -5.87 -12.32
N GLY A 107 12.46 -5.94 -11.39
CA GLY A 107 12.83 -4.79 -10.59
C GLY A 107 13.22 -3.62 -11.46
N ASP A 108 14.09 -3.86 -12.45
CA ASP A 108 14.53 -2.80 -13.37
C ASP A 108 13.34 -2.19 -14.08
N ALA A 109 12.42 -3.06 -14.49
CA ALA A 109 11.23 -2.63 -15.23
C ALA A 109 10.36 -1.69 -14.39
N ILE A 110 10.08 -2.05 -13.15
CA ILE A 110 9.25 -1.20 -12.30
C ILE A 110 9.94 0.14 -12.08
N LYS A 111 11.24 0.10 -11.82
CA LYS A 111 12.00 1.33 -11.63
C LYS A 111 11.89 2.20 -12.89
N SER A 112 12.07 1.59 -14.05
CA SER A 112 12.00 2.29 -15.32
C SER A 112 10.65 2.96 -15.58
N ILE A 113 9.57 2.25 -15.27
CA ILE A 113 8.23 2.76 -15.49
C ILE A 113 7.80 3.79 -14.45
N VAL A 114 7.92 3.42 -13.19
CA VAL A 114 7.49 4.28 -12.08
C VAL A 114 8.38 5.47 -11.82
N ILE A 115 9.69 5.24 -11.78
CA ILE A 115 10.62 6.30 -11.51
C ILE A 115 11.11 7.00 -12.76
N ASP A 116 11.86 6.29 -13.61
CA ASP A 116 12.42 6.90 -14.81
C ASP A 116 11.45 7.59 -15.76
N LYS A 117 10.35 6.90 -16.09
CA LYS A 117 9.38 7.46 -17.00
C LYS A 117 8.41 8.43 -16.34
N TRP A 118 7.64 7.92 -15.38
CA TRP A 118 6.63 8.72 -14.71
C TRP A 118 7.07 9.60 -13.54
N LYS A 119 8.33 9.50 -13.14
CA LYS A 119 8.86 10.34 -12.06
C LYS A 119 8.00 10.32 -10.79
N LEU A 120 7.50 9.14 -10.44
CA LEU A 120 6.69 8.98 -9.24
C LEU A 120 7.62 8.85 -8.02
N ASP A 121 7.03 8.95 -6.84
CA ASP A 121 7.81 8.92 -5.60
C ASP A 121 8.01 7.57 -4.94
N GLY A 122 7.46 6.53 -5.54
CA GLY A 122 7.63 5.20 -4.98
C GLY A 122 6.47 4.29 -5.34
N ILE A 123 6.42 3.17 -4.64
CA ILE A 123 5.39 2.18 -4.87
C ILE A 123 4.92 1.62 -3.56
N SER A 124 3.71 1.07 -3.58
CA SER A 124 3.11 0.44 -2.42
C SER A 124 2.69 -0.93 -2.92
N LEU A 125 3.16 -1.97 -2.24
CA LEU A 125 2.84 -3.34 -2.64
C LEU A 125 1.60 -3.89 -1.95
N ASP A 126 0.58 -4.18 -2.74
CA ASP A 126 -0.66 -4.73 -2.22
C ASP A 126 -0.44 -6.24 -2.27
N ILE A 127 -0.06 -6.79 -1.12
CA ILE A 127 0.27 -8.20 -0.97
C ILE A 127 -0.90 -9.00 -0.39
N GLU A 128 -1.61 -9.72 -1.25
CA GLU A 128 -2.75 -10.52 -0.82
C GLU A 128 -3.32 -11.40 -1.93
N HIS A 129 -2.69 -11.41 -3.09
CA HIS A 129 -3.24 -12.17 -4.21
C HIS A 129 -2.93 -13.66 -4.19
N SER A 130 -3.71 -14.42 -4.97
CA SER A 130 -3.56 -15.88 -4.96
C SER A 130 -2.38 -16.47 -5.69
N GLY A 131 -1.92 -17.59 -5.15
CA GLY A 131 -0.78 -18.29 -5.71
C GLY A 131 -0.60 -19.51 -4.85
N ALA A 132 0.49 -20.22 -5.04
CA ALA A 132 0.75 -21.43 -4.26
C ALA A 132 0.85 -21.11 -2.78
N LYS A 133 0.18 -21.91 -1.97
CA LYS A 133 0.18 -21.72 -0.53
C LYS A 133 1.44 -22.34 0.06
N PRO A 134 1.81 -21.94 1.29
CA PRO A 134 3.01 -22.52 1.89
C PRO A 134 2.79 -24.00 2.14
N ASN A 135 3.90 -24.74 2.24
CA ASN A 135 3.84 -26.16 2.52
C ASN A 135 4.98 -26.52 3.45
N PRO A 136 4.65 -26.88 4.69
CA PRO A 136 3.27 -26.98 5.18
C PRO A 136 2.69 -25.61 5.49
N ILE A 137 1.39 -25.57 5.78
CA ILE A 137 0.76 -24.33 6.16
C ILE A 137 0.93 -24.25 7.68
N PRO A 138 1.66 -23.25 8.17
CA PRO A 138 1.87 -23.13 9.63
C PRO A 138 0.55 -22.96 10.35
N THR A 139 0.53 -23.25 11.65
CA THR A 139 -0.70 -23.06 12.40
C THR A 139 -0.77 -21.56 12.73
N PHE A 140 -1.79 -20.89 12.22
CA PHE A 140 -1.92 -19.45 12.48
C PHE A 140 -2.07 -19.20 13.99
N PRO A 141 -1.38 -18.20 14.55
CA PRO A 141 -1.43 -17.85 15.98
C PRO A 141 -2.82 -17.58 16.57
N GLY A 142 -3.75 -17.10 15.77
CA GLY A 142 -5.08 -16.86 16.27
C GLY A 142 -5.40 -15.41 16.61
N TYR A 143 -6.66 -15.16 16.91
CA TYR A 143 -7.13 -13.81 17.21
C TYR A 143 -6.45 -13.04 18.34
N ALA A 144 -6.39 -13.64 19.53
CA ALA A 144 -5.75 -12.96 20.65
C ALA A 144 -4.33 -12.50 20.32
N ALA A 145 -3.58 -13.35 19.62
CA ALA A 145 -2.20 -13.04 19.28
C ALA A 145 -1.99 -12.05 18.12
N THR A 146 -2.94 -12.01 17.18
CA THR A 146 -2.75 -11.19 15.99
C THR A 146 -3.86 -10.21 15.58
N GLY A 147 -5.07 -10.42 16.10
CA GLY A 147 -6.17 -9.57 15.69
C GLY A 147 -6.86 -10.19 14.47
N TYR A 148 -6.43 -11.40 14.09
CA TYR A 148 -7.01 -12.15 12.97
C TYR A 148 -7.31 -13.57 13.44
N ASN A 149 -8.37 -14.18 12.93
CA ASN A 149 -8.76 -15.53 13.30
C ASN A 149 -7.90 -16.64 12.71
N GLY A 150 -7.52 -16.45 11.45
CA GLY A 150 -6.71 -17.43 10.77
C GLY A 150 -6.21 -16.86 9.45
N TRP A 151 -5.58 -17.74 8.67
CA TRP A 151 -5.02 -17.36 7.39
C TRP A 151 -6.06 -16.87 6.40
N TYR A 152 -5.67 -15.94 5.54
CA TYR A 152 -6.56 -15.49 4.50
C TYR A 152 -6.16 -16.45 3.38
N SER A 153 -7.00 -17.45 3.12
CA SER A 153 -6.69 -18.49 2.13
C SER A 153 -6.49 -18.05 0.69
N GLY A 154 -6.82 -16.81 0.39
CA GLY A 154 -6.63 -16.31 -0.97
C GLY A 154 -5.28 -15.67 -1.22
N SER A 155 -4.38 -15.75 -0.25
CA SER A 155 -3.05 -15.18 -0.42
C SER A 155 -2.05 -16.26 -0.84
N MET A 156 -0.78 -15.91 -0.96
CA MET A 156 0.22 -16.89 -1.38
C MET A 156 1.49 -16.90 -0.53
N ALA A 157 2.27 -17.95 -0.69
CA ALA A 157 3.51 -18.11 0.07
C ALA A 157 4.62 -17.20 -0.44
N ALA A 158 5.44 -16.72 0.49
CA ALA A 158 6.58 -15.89 0.15
C ALA A 158 7.71 -16.89 -0.08
N THR A 159 7.69 -17.52 -1.25
CA THR A 159 8.71 -18.49 -1.62
C THR A 159 9.95 -17.70 -1.96
N PRO A 160 11.10 -18.37 -2.13
CA PRO A 160 12.33 -17.65 -2.47
C PRO A 160 12.15 -16.74 -3.70
N ALA A 161 11.49 -17.26 -4.73
CA ALA A 161 11.26 -16.48 -5.95
C ALA A 161 10.47 -15.21 -5.62
N PHE A 162 9.45 -15.36 -4.78
CA PHE A 162 8.59 -14.25 -4.37
C PHE A 162 9.43 -13.21 -3.63
N LEU A 163 10.26 -13.66 -2.70
CA LEU A 163 11.11 -12.75 -1.94
C LEU A 163 12.15 -12.05 -2.82
N ASN A 164 12.59 -12.75 -3.88
CA ASN A 164 13.56 -12.20 -4.83
C ASN A 164 12.98 -10.94 -5.47
N VAL A 165 11.70 -10.96 -5.78
CA VAL A 165 11.07 -9.80 -6.41
C VAL A 165 11.15 -8.59 -5.47
N ILE A 166 10.72 -8.77 -4.24
CA ILE A 166 10.75 -7.65 -3.31
C ILE A 166 12.20 -7.21 -3.07
N SER A 167 13.12 -8.15 -2.95
CA SER A 167 14.54 -7.83 -2.76
C SER A 167 15.04 -6.89 -3.86
N GLU A 168 14.75 -7.23 -5.11
CA GLU A 168 15.20 -6.39 -6.22
C GLU A 168 14.55 -4.99 -6.17
N LEU A 169 13.26 -4.92 -5.82
CA LEU A 169 12.55 -3.65 -5.75
C LEU A 169 13.21 -2.75 -4.71
N THR A 170 13.71 -3.41 -3.68
CA THR A 170 14.37 -2.79 -2.56
C THR A 170 15.62 -1.98 -3.00
N LYS A 171 16.15 -2.25 -4.19
CA LYS A 171 17.32 -1.52 -4.66
C LYS A 171 16.94 -0.13 -5.16
N TYR A 172 15.66 0.06 -5.49
CA TYR A 172 15.19 1.32 -6.04
C TYR A 172 14.13 2.02 -5.21
N PHE A 173 13.49 1.27 -4.33
CA PHE A 173 12.45 1.82 -3.49
C PHE A 173 12.69 1.47 -2.03
N GLY A 174 12.39 2.42 -1.14
CA GLY A 174 12.57 2.14 0.26
C GLY A 174 13.71 2.84 0.94
N THR A 175 13.86 2.52 2.22
CA THR A 175 14.86 3.15 3.08
C THR A 175 16.33 2.94 2.74
N THR A 176 16.66 1.93 1.96
CA THR A 176 18.08 1.72 1.62
C THR A 176 18.38 2.08 0.17
N ALA A 177 17.37 2.58 -0.55
CA ALA A 177 17.54 2.95 -1.94
C ALA A 177 17.82 4.44 -2.10
N PRO A 178 18.47 4.85 -3.20
CA PRO A 178 18.76 6.28 -3.38
C PRO A 178 17.56 7.10 -3.85
N ASN A 179 17.72 8.43 -3.78
CA ASN A 179 16.73 9.39 -4.26
C ASN A 179 15.37 9.42 -3.56
N ASN A 180 15.38 9.17 -2.26
CA ASN A 180 14.18 9.16 -1.43
C ASN A 180 12.93 8.68 -2.13
N LYS A 181 12.90 7.37 -2.39
CA LYS A 181 11.77 6.73 -3.02
C LYS A 181 11.08 5.88 -1.95
N GLN A 182 9.76 5.92 -1.95
CA GLN A 182 8.96 5.18 -0.99
C GLN A 182 8.79 3.73 -1.39
N LEU A 183 8.79 2.85 -0.39
CA LEU A 183 8.51 1.43 -0.59
C LEU A 183 7.57 1.13 0.57
N GLN A 184 6.32 0.82 0.26
CA GLN A 184 5.37 0.50 1.31
C GLN A 184 4.71 -0.83 0.96
N ILE A 185 4.01 -1.38 1.92
CA ILE A 185 3.30 -2.62 1.73
C ILE A 185 1.94 -2.45 2.37
N ALA A 186 0.92 -3.00 1.73
CA ALA A 186 -0.45 -2.95 2.25
C ALA A 186 -0.79 -4.43 2.30
N SER A 187 -0.95 -4.97 3.50
CA SER A 187 -1.23 -6.38 3.62
C SER A 187 -1.91 -6.65 4.96
N GLY A 188 -1.76 -7.88 5.44
CA GLY A 188 -2.33 -8.27 6.70
C GLY A 188 -1.49 -9.36 7.33
N ILE A 189 -1.55 -9.47 8.65
CA ILE A 189 -0.79 -10.52 9.32
C ILE A 189 -1.32 -11.89 8.89
N ASP A 190 -2.55 -11.92 8.38
CA ASP A 190 -3.18 -13.17 7.95
C ASP A 190 -2.79 -13.63 6.54
N VAL A 191 -1.89 -12.89 5.89
CA VAL A 191 -1.43 -13.25 4.55
C VAL A 191 -0.24 -14.17 4.74
N TYR A 192 -0.22 -15.29 4.02
CA TYR A 192 0.87 -16.25 4.20
C TYR A 192 2.25 -15.65 4.13
N ALA A 193 2.45 -14.77 3.15
CA ALA A 193 3.74 -14.14 2.91
C ALA A 193 4.20 -13.13 3.95
N TRP A 194 3.29 -12.68 4.80
CA TRP A 194 3.62 -11.67 5.80
C TRP A 194 4.90 -11.90 6.61
N ASN A 195 4.94 -13.01 7.34
CA ASN A 195 6.10 -13.28 8.18
C ASN A 195 7.44 -13.24 7.47
N LYS A 196 7.55 -13.92 6.32
CA LYS A 196 8.83 -13.92 5.63
C LYS A 196 9.16 -12.57 5.02
N ILE A 197 8.14 -11.84 4.58
CA ILE A 197 8.41 -10.52 4.03
C ILE A 197 9.03 -9.66 5.13
N MET A 198 8.48 -9.74 6.34
CA MET A 198 8.98 -8.95 7.45
C MET A 198 10.36 -9.38 7.93
N GLU A 199 10.61 -10.69 7.94
CA GLU A 199 11.92 -11.19 8.36
C GLU A 199 13.02 -10.63 7.45
N ASN A 200 12.68 -10.46 6.18
CA ASN A 200 13.61 -9.99 5.18
C ASN A 200 13.62 -8.49 4.88
N PHE A 201 12.45 -7.88 4.88
CA PHE A 201 12.37 -6.48 4.44
C PHE A 201 11.71 -5.45 5.31
N ARG A 202 11.39 -5.79 6.56
CA ARG A 202 10.73 -4.79 7.40
C ARG A 202 11.44 -3.46 7.47
N ASN A 203 12.77 -3.47 7.45
CA ASN A 203 13.52 -2.23 7.53
C ASN A 203 13.51 -1.43 6.25
N ASN A 204 13.28 -2.11 5.13
CA ASN A 204 13.24 -1.45 3.84
C ASN A 204 11.97 -0.63 3.62
N PHE A 205 10.85 -1.08 4.19
CA PHE A 205 9.60 -0.33 4.02
C PHE A 205 9.60 0.98 4.83
N ASN A 206 9.20 2.08 4.20
CA ASN A 206 9.08 3.34 4.90
C ASN A 206 7.87 3.19 5.81
N TYR A 207 6.85 2.55 5.27
CA TYR A 207 5.61 2.31 5.98
C TYR A 207 5.02 0.95 5.64
N ILE A 208 4.42 0.36 6.66
CA ILE A 208 3.80 -0.96 6.59
C ILE A 208 2.35 -0.77 6.97
N GLN A 209 1.47 -0.86 5.97
CA GLN A 209 0.05 -0.70 6.16
C GLN A 209 -0.68 -2.00 6.41
N LEU A 210 -1.51 -2.00 7.45
CA LEU A 210 -2.33 -3.16 7.74
C LEU A 210 -3.73 -2.79 7.24
N GLN A 211 -4.34 -3.69 6.47
CA GLN A 211 -5.68 -3.45 5.92
C GLN A 211 -6.71 -3.78 6.98
N SER A 212 -6.61 -3.10 8.12
CA SER A 212 -7.49 -3.29 9.27
C SER A 212 -8.82 -2.57 9.10
N TYR A 213 -9.42 -2.71 7.91
CA TYR A 213 -10.68 -2.05 7.63
C TYR A 213 -11.81 -2.43 8.58
N GLY A 214 -12.40 -1.40 9.19
CA GLY A 214 -13.50 -1.59 10.13
C GLY A 214 -13.08 -2.00 11.53
N ALA A 215 -11.79 -1.92 11.84
CA ALA A 215 -11.34 -2.32 13.16
C ALA A 215 -11.56 -1.23 14.20
N ASN A 216 -11.38 -1.59 15.47
CA ASN A 216 -11.43 -0.60 16.53
C ASN A 216 -10.03 -0.61 17.16
N VAL A 217 -9.78 0.30 18.08
CA VAL A 217 -8.48 0.40 18.71
C VAL A 217 -8.01 -0.90 19.34
N SER A 218 -8.92 -1.60 20.02
CA SER A 218 -8.54 -2.86 20.66
C SER A 218 -7.95 -3.81 19.64
N ARG A 219 -8.64 -3.95 18.50
CA ARG A 219 -8.17 -4.85 17.48
C ARG A 219 -6.84 -4.43 16.87
N THR A 220 -6.70 -3.15 16.54
CA THR A 220 -5.45 -2.70 15.95
C THR A 220 -4.32 -2.86 16.98
N GLN A 221 -4.64 -2.79 18.27
CA GLN A 221 -3.60 -2.98 19.28
C GLN A 221 -3.17 -4.45 19.28
N LEU A 222 -4.09 -5.39 19.08
CA LEU A 222 -3.70 -6.80 19.03
C LEU A 222 -2.72 -6.99 17.86
N MET A 223 -3.02 -6.32 16.74
CA MET A 223 -2.17 -6.41 15.56
C MET A 223 -0.78 -5.86 15.88
N MET A 224 -0.75 -4.72 16.56
CA MET A 224 0.50 -4.07 16.93
C MET A 224 1.36 -4.99 17.81
N ASN A 225 0.73 -5.66 18.76
CA ASN A 225 1.44 -6.55 19.67
C ASN A 225 2.26 -7.54 18.87
N TYR A 226 1.63 -8.13 17.86
CA TYR A 226 2.27 -9.12 17.02
C TYR A 226 3.27 -8.52 16.06
N ALA A 227 2.85 -7.49 15.35
CA ALA A 227 3.71 -6.85 14.36
C ALA A 227 5.02 -6.42 14.99
N THR A 228 4.94 -5.85 16.19
CA THR A 228 6.15 -5.37 16.87
C THR A 228 6.92 -6.45 17.60
N GLY A 229 6.21 -7.22 18.42
CA GLY A 229 6.84 -8.24 19.21
C GLY A 229 7.33 -9.46 18.48
N THR A 230 6.51 -9.99 17.59
CA THR A 230 6.88 -11.19 16.85
C THR A 230 7.52 -10.90 15.49
N ASN A 231 6.95 -9.97 14.72
CA ASN A 231 7.55 -9.63 13.43
C ASN A 231 8.71 -8.66 13.58
N LYS A 232 8.84 -8.06 14.76
CA LYS A 232 9.93 -7.13 15.05
C LYS A 232 9.88 -5.85 14.25
N ILE A 233 8.69 -5.45 13.81
CA ILE A 233 8.54 -4.25 13.02
C ILE A 233 8.53 -3.01 13.90
N PRO A 234 9.32 -1.98 13.53
CA PRO A 234 9.35 -0.75 14.32
C PRO A 234 7.93 -0.19 14.38
N ALA A 235 7.50 0.26 15.55
CA ALA A 235 6.15 0.78 15.69
C ALA A 235 5.93 1.96 14.74
N SER A 236 6.98 2.77 14.56
CA SER A 236 6.90 3.96 13.71
C SER A 236 6.61 3.71 12.24
N LYS A 237 6.66 2.45 11.81
CA LYS A 237 6.35 2.14 10.41
C LYS A 237 4.90 1.70 10.23
N MET A 238 4.25 1.36 11.34
CA MET A 238 2.88 0.86 11.28
C MET A 238 1.82 1.86 10.91
N VAL A 239 1.06 1.52 9.89
CA VAL A 239 -0.01 2.39 9.40
C VAL A 239 -1.29 1.54 9.36
N PHE A 240 -2.38 2.08 9.89
CA PHE A 240 -3.63 1.33 9.89
C PHE A 240 -4.61 1.85 8.85
N GLY A 241 -5.53 0.98 8.43
CA GLY A 241 -6.46 1.34 7.38
C GLY A 241 -7.82 1.89 7.75
N ALA A 242 -8.12 3.07 7.22
CA ALA A 242 -9.41 3.72 7.46
C ALA A 242 -10.24 3.43 6.22
N TYR A 243 -11.31 2.65 6.40
CA TYR A 243 -12.15 2.26 5.29
C TYR A 243 -13.22 3.30 4.93
N ALA A 244 -12.76 4.44 4.39
CA ALA A 244 -13.66 5.53 4.00
C ALA A 244 -14.68 5.06 2.97
N GLU A 245 -14.28 4.10 2.15
CA GLU A 245 -15.15 3.58 1.10
C GLU A 245 -16.42 3.03 1.72
N GLY A 246 -16.29 2.40 2.89
CA GLY A 246 -17.44 1.83 3.58
C GLY A 246 -18.39 2.88 4.13
N GLY A 247 -17.84 4.03 4.52
CA GLY A 247 -18.63 5.12 5.06
C GLY A 247 -19.39 4.84 6.34
N THR A 248 -18.96 3.83 7.09
CA THR A 248 -19.67 3.47 8.32
C THR A 248 -18.82 3.32 9.58
N ASN A 249 -17.50 3.34 9.44
CA ASN A 249 -16.63 3.16 10.61
C ASN A 249 -15.80 4.38 10.99
N GLN A 250 -16.29 5.57 10.68
CA GLN A 250 -15.55 6.80 10.95
C GLN A 250 -15.14 7.04 12.40
N ALA A 251 -16.07 6.85 13.33
CA ALA A 251 -15.76 7.08 14.74
C ALA A 251 -14.59 6.21 15.18
N ASN A 252 -14.62 4.93 14.81
CA ASN A 252 -13.55 3.99 15.15
C ASN A 252 -12.24 4.41 14.48
N ASP A 253 -12.30 4.70 13.18
CA ASP A 253 -11.13 5.10 12.42
C ASP A 253 -10.47 6.34 13.05
N VAL A 254 -11.31 7.28 13.50
CA VAL A 254 -10.81 8.50 14.11
C VAL A 254 -10.10 8.16 15.43
N GLU A 255 -10.66 7.23 16.19
CA GLU A 255 -10.05 6.79 17.45
C GLU A 255 -8.67 6.17 17.16
N VAL A 256 -8.63 5.29 16.17
CA VAL A 256 -7.39 4.62 15.79
C VAL A 256 -6.40 5.66 15.29
N ALA A 257 -6.90 6.65 14.55
CA ALA A 257 -6.05 7.70 14.01
C ALA A 257 -5.35 8.49 15.12
N LYS A 258 -6.08 8.80 16.19
CA LYS A 258 -5.51 9.58 17.29
C LYS A 258 -4.75 8.70 18.27
N TRP A 259 -4.98 7.40 18.20
CA TRP A 259 -4.39 6.44 19.12
C TRP A 259 -2.90 6.15 19.02
N THR A 260 -2.26 6.10 20.19
CA THR A 260 -0.85 5.79 20.30
C THR A 260 -0.77 4.39 20.92
N PRO A 261 -0.30 3.39 20.14
CA PRO A 261 -0.18 2.01 20.64
C PRO A 261 0.64 1.95 21.91
N THR A 262 0.51 0.85 22.65
CA THR A 262 1.28 0.73 23.87
C THR A 262 2.77 0.63 23.52
N GLN A 263 3.05 0.18 22.29
CA GLN A 263 4.43 0.05 21.83
C GLN A 263 5.02 1.39 21.42
N GLY A 264 4.20 2.43 21.42
CA GLY A 264 4.68 3.75 21.04
C GLY A 264 4.04 4.30 19.77
N ALA A 265 4.43 5.51 19.40
CA ALA A 265 3.89 6.21 18.23
C ALA A 265 3.92 5.38 16.96
N LYS A 266 2.76 5.26 16.32
CA LYS A 266 2.69 4.49 15.08
C LYS A 266 3.05 5.39 13.91
N GLY A 267 3.11 4.80 12.71
CA GLY A 267 3.44 5.58 11.53
C GLY A 267 2.33 6.53 11.14
N GLY A 268 1.09 6.06 11.24
CA GLY A 268 -0.03 6.90 10.89
C GLY A 268 -1.20 6.11 10.37
N MET A 269 -1.93 6.72 9.43
CA MET A 269 -3.11 6.10 8.84
C MET A 269 -3.12 6.19 7.33
N MET A 270 -3.73 5.20 6.69
CA MET A 270 -3.91 5.25 5.24
C MET A 270 -5.43 5.22 5.07
N ILE A 271 -5.91 5.88 4.04
CA ILE A 271 -7.35 5.94 3.82
C ILE A 271 -7.73 5.34 2.49
N TYR A 272 -8.57 4.31 2.58
CA TYR A 272 -9.06 3.62 1.41
C TYR A 272 -10.56 3.87 1.34
N THR A 273 -11.01 4.73 0.43
CA THR A 273 -10.18 5.43 -0.50
C THR A 273 -10.49 6.92 -0.20
N TYR A 274 -9.54 7.83 -0.40
CA TYR A 274 -9.82 9.23 -0.09
C TYR A 274 -10.94 9.79 -0.95
N ASN A 275 -10.94 9.46 -2.23
CA ASN A 275 -11.95 9.97 -3.14
C ASN A 275 -13.31 9.26 -3.04
N SER A 276 -13.38 8.21 -2.25
CA SER A 276 -14.63 7.47 -2.08
C SER A 276 -15.60 8.22 -1.16
N ASN A 277 -15.06 8.95 -0.20
CA ASN A 277 -15.87 9.67 0.77
C ASN A 277 -14.93 10.69 1.36
N VAL A 278 -14.92 11.87 0.76
CA VAL A 278 -14.01 12.91 1.18
C VAL A 278 -14.23 13.41 2.61
N SER A 279 -15.47 13.56 3.04
CA SER A 279 -15.71 14.04 4.40
C SER A 279 -15.14 13.06 5.42
N TYR A 280 -15.39 11.78 5.17
CA TYR A 280 -14.91 10.70 6.03
C TYR A 280 -13.38 10.77 6.06
N ALA A 281 -12.79 10.85 4.87
CA ALA A 281 -11.33 10.94 4.72
C ALA A 281 -10.76 12.13 5.46
N ASN A 282 -11.38 13.31 5.27
CA ASN A 282 -10.92 14.52 5.94
C ASN A 282 -10.94 14.36 7.46
N ALA A 283 -11.97 13.70 7.97
CA ALA A 283 -12.09 13.48 9.41
C ALA A 283 -10.94 12.63 9.94
N VAL A 284 -10.61 11.56 9.21
CA VAL A 284 -9.52 10.69 9.63
C VAL A 284 -8.18 11.43 9.53
N ARG A 285 -8.01 12.19 8.44
CA ARG A 285 -6.81 13.00 8.25
C ARG A 285 -6.63 13.96 9.43
N ASP A 286 -7.71 14.66 9.78
CA ASP A 286 -7.68 15.61 10.89
C ASP A 286 -7.29 14.90 12.18
N ALA A 287 -7.85 13.71 12.40
CA ALA A 287 -7.58 12.95 13.62
C ALA A 287 -6.12 12.55 13.73
N VAL A 288 -5.52 12.14 12.62
CA VAL A 288 -4.13 11.73 12.67
C VAL A 288 -3.15 12.91 12.73
N LYS A 289 -3.58 14.08 12.26
CA LYS A 289 -2.75 15.29 12.28
C LYS A 289 -3.01 16.14 13.51
#